data_1P0K
#
_entry.id   1P0K
#
_cell.length_a   115.833
_cell.length_b   115.833
_cell.length_c   141.520
_cell.angle_alpha   90.00
_cell.angle_beta   90.00
_cell.angle_gamma   90.00
#
_symmetry.space_group_name_H-M   'I 4'
#
loop_
_entity.id
_entity.type
_entity.pdbx_description
1 polymer 'Isopentenyl-diphosphate delta-isomerase'
2 non-polymer 'PHOSPHATE ION'
3 water water
#
_entity_poly.entity_id   1
_entity_poly.type   'polypeptide(L)'
_entity_poly.pdbx_seq_one_letter_code
;MTRAERKRQHINHALSIGQKRETGLDDITFVHVSLPDLALEQVDISTKIGELSSSSPIFINAMTGGGGKLTYEINKSLAR
AASQAGIPLAVGSQMSALKDPSERLSYEIVRKENPNGLIFANLGSEATAAQAKEAVEMIGANALQIHLNVIQEIVMPEGD
RSFSGALKRIEQICSRVSVPVIVKEVGFGMSKASAGKLYEAGAAAVDIGGYGGTNFSKIENLRRQRQISFFNSWGISTAA
SLAEIRSEFPASTMIASGGLQDALDVAKAIALGASCTGMAGHFLKALTDSGEEGLLEEIQLILEELKLIMTVLGARTIAD
LQKAPLVIKGETHHWLTERGVNTSSYSVR
;
_entity_poly.pdbx_strand_id   A,B
#
# COMPACT_ATOMS: atom_id res chain seq x y z
N ARG A 21 -9.88 12.94 -5.89
CA ARG A 21 -10.15 14.06 -6.84
C ARG A 21 -8.89 14.89 -7.11
N GLU A 22 -9.03 15.94 -7.90
CA GLU A 22 -7.87 16.78 -8.23
C GLU A 22 -7.52 17.86 -7.18
N THR A 23 -6.23 18.14 -7.06
CA THR A 23 -5.72 19.15 -6.13
C THR A 23 -5.83 20.54 -6.76
N GLY A 24 -6.05 20.57 -8.07
CA GLY A 24 -6.13 21.83 -8.79
C GLY A 24 -4.74 22.30 -9.24
N LEU A 25 -3.69 21.63 -8.77
CA LEU A 25 -2.33 22.03 -9.14
C LEU A 25 -2.02 21.94 -10.65
N ASP A 26 -2.76 21.11 -11.38
CA ASP A 26 -2.57 21.03 -12.84
C ASP A 26 -3.05 22.32 -13.53
N ASP A 27 -3.82 23.15 -12.82
CA ASP A 27 -4.30 24.43 -13.35
C ASP A 27 -3.21 25.50 -13.18
N ILE A 28 -2.06 25.10 -12.67
CA ILE A 28 -0.95 26.04 -12.45
C ILE A 28 0.22 25.72 -13.40
N THR A 29 0.69 26.74 -14.12
CA THR A 29 1.83 26.59 -15.02
C THR A 29 2.84 27.69 -14.72
N PHE A 30 4.05 27.30 -14.34
CA PHE A 30 5.11 28.28 -14.06
C PHE A 30 5.49 28.93 -15.38
N VAL A 31 5.88 30.20 -15.32
CA VAL A 31 6.36 30.90 -16.49
C VAL A 31 7.83 30.46 -16.65
N HIS A 32 8.17 29.90 -17.81
CA HIS A 32 9.53 29.43 -18.08
C HIS A 32 10.57 30.53 -18.01
N VAL A 33 11.68 30.23 -17.34
CA VAL A 33 12.80 31.16 -17.17
C VAL A 33 13.92 30.63 -18.04
N SER A 34 14.29 31.39 -19.06
CA SER A 34 15.35 30.99 -20.00
C SER A 34 16.78 31.08 -19.49
N LEU A 35 17.01 32.05 -18.60
CA LEU A 35 18.33 32.34 -18.02
C LEU A 35 18.26 32.38 -16.49
N PRO A 36 18.01 31.22 -15.86
CA PRO A 36 17.93 31.16 -14.40
C PRO A 36 19.17 31.67 -13.67
N ASP A 37 20.34 31.55 -14.29
CA ASP A 37 21.58 32.06 -13.66
C ASP A 37 21.74 31.53 -12.25
N LEU A 38 21.51 30.23 -12.07
CA LEU A 38 21.60 29.65 -10.76
C LEU A 38 22.19 28.24 -10.84
N ALA A 39 23.03 27.91 -9.87
CA ALA A 39 23.64 26.57 -9.82
C ALA A 39 22.88 25.79 -8.75
N LEU A 40 22.65 24.51 -9.03
CA LEU A 40 21.93 23.62 -8.13
C LEU A 40 22.43 23.66 -6.69
N GLU A 41 23.73 23.93 -6.51
CA GLU A 41 24.35 23.98 -5.17
C GLU A 41 24.07 25.26 -4.39
N GLN A 42 23.55 26.27 -5.06
CA GLN A 42 23.24 27.53 -4.38
C GLN A 42 21.81 27.54 -3.85
N VAL A 43 21.03 26.53 -4.23
CA VAL A 43 19.65 26.46 -3.81
C VAL A 43 19.46 26.11 -2.34
N ASP A 44 18.73 26.96 -1.63
CA ASP A 44 18.43 26.79 -0.21
C ASP A 44 16.95 26.45 -0.02
N ILE A 45 16.65 25.27 0.51
CA ILE A 45 15.26 24.89 0.70
C ILE A 45 14.76 25.02 2.14
N SER A 46 15.49 25.74 2.97
CA SER A 46 15.08 25.93 4.35
C SER A 46 13.83 26.80 4.37
N THR A 47 12.98 26.61 5.36
CA THR A 47 11.74 27.38 5.44
C THR A 47 11.30 27.63 6.88
N LYS A 48 10.09 28.17 7.03
CA LYS A 48 9.56 28.44 8.36
C LYS A 48 8.08 28.13 8.52
N ILE A 49 7.74 27.56 9.67
CA ILE A 49 6.35 27.25 9.98
C ILE A 49 6.07 28.06 11.24
N GLY A 50 5.48 29.23 11.06
CA GLY A 50 5.20 30.08 12.20
C GLY A 50 6.56 30.52 12.72
N GLU A 51 6.88 30.21 13.97
CA GLU A 51 8.14 30.59 14.56
C GLU A 51 9.21 29.51 14.43
N LEU A 52 8.80 28.33 13.97
CA LEU A 52 9.72 27.21 13.80
C LEU A 52 10.53 27.29 12.52
N SER A 53 11.75 26.81 12.58
CA SER A 53 12.63 26.82 11.41
C SER A 53 12.89 25.40 11.01
N SER A 54 12.74 25.12 9.72
CA SER A 54 12.97 23.78 9.19
C SER A 54 13.95 23.78 8.02
N SER A 55 14.83 22.80 7.99
CA SER A 55 15.79 22.69 6.92
C SER A 55 15.14 22.10 5.66
N SER A 56 13.93 21.59 5.81
CA SER A 56 13.20 21.00 4.67
C SER A 56 11.80 21.57 4.52
N PRO A 57 11.33 21.71 3.27
CA PRO A 57 9.98 22.25 2.99
C PRO A 57 9.00 21.06 2.84
N ILE A 58 9.48 19.86 3.16
CA ILE A 58 8.65 18.66 3.07
C ILE A 58 8.72 17.89 4.38
N PHE A 59 7.57 17.46 4.90
CA PHE A 59 7.60 16.66 6.12
C PHE A 59 6.83 15.38 5.91
N ILE A 60 7.06 14.42 6.80
CA ILE A 60 6.39 13.12 6.74
C ILE A 60 5.15 13.12 7.60
N ASN A 61 4.05 12.67 7.02
CA ASN A 61 2.78 12.52 7.73
C ASN A 61 2.58 11.04 8.01
N ALA A 62 2.82 10.62 9.24
CA ALA A 62 2.63 9.22 9.60
C ALA A 62 1.14 8.88 9.70
N MET A 63 0.78 7.61 9.54
CA MET A 63 -0.61 7.21 9.69
C MET A 63 -0.79 6.64 11.09
N THR A 64 -2.04 6.64 11.55
CA THR A 64 -2.34 6.10 12.88
C THR A 64 -2.04 4.60 12.89
N GLY A 65 -2.30 3.92 11.78
CA GLY A 65 -2.04 2.50 11.69
C GLY A 65 -2.98 1.62 12.51
N GLY A 66 -2.66 0.33 12.61
CA GLY A 66 -3.49 -0.60 13.37
C GLY A 66 -3.06 -0.81 14.81
N GLY A 67 -2.07 -0.04 15.25
CA GLY A 67 -1.59 -0.18 16.61
C GLY A 67 -0.70 -1.38 16.77
N GLY A 68 -0.50 -1.81 18.00
CA GLY A 68 0.35 -2.96 18.23
C GLY A 68 1.81 -2.63 17.96
N LYS A 69 2.65 -3.65 18.01
CA LYS A 69 4.08 -3.50 17.78
C LYS A 69 4.40 -3.13 16.35
N LEU A 70 3.49 -3.41 15.43
CA LEU A 70 3.75 -3.05 14.04
C LEU A 70 3.75 -1.52 13.92
N THR A 71 2.75 -0.86 14.50
CA THR A 71 2.71 0.60 14.45
C THR A 71 3.93 1.17 15.19
N TYR A 72 4.34 0.49 16.27
CA TYR A 72 5.51 0.91 17.03
C TYR A 72 6.76 0.93 16.13
N GLU A 73 6.98 -0.14 15.37
CA GLU A 73 8.16 -0.20 14.52
C GLU A 73 8.07 0.71 13.32
N ILE A 74 6.87 0.90 12.80
CA ILE A 74 6.71 1.81 11.67
C ILE A 74 7.09 3.21 12.19
N ASN A 75 6.53 3.60 13.33
CA ASN A 75 6.83 4.92 13.90
C ASN A 75 8.32 5.06 14.23
N LYS A 76 8.92 4.01 14.80
CA LYS A 76 10.34 4.09 15.11
C LYS A 76 11.16 4.29 13.82
N SER A 77 10.82 3.58 12.75
CA SER A 77 11.55 3.73 11.50
C SER A 77 11.34 5.11 10.87
N LEU A 78 10.11 5.61 10.90
CA LEU A 78 9.83 6.94 10.36
C LEU A 78 10.66 7.97 11.13
N ALA A 79 10.70 7.83 12.44
CA ALA A 79 11.46 8.76 13.29
C ALA A 79 12.96 8.68 12.98
N ARG A 80 13.48 7.47 12.80
CA ARG A 80 14.91 7.33 12.47
C ARG A 80 15.22 7.97 11.12
N ALA A 81 14.38 7.71 10.12
CA ALA A 81 14.64 8.31 8.80
C ALA A 81 14.51 9.84 8.86
N ALA A 82 13.48 10.34 9.54
CA ALA A 82 13.28 11.78 9.68
C ALA A 82 14.51 12.42 10.33
N SER A 83 15.03 11.77 11.36
CA SER A 83 16.19 12.29 12.08
C SER A 83 17.43 12.36 11.19
N GLN A 84 17.64 11.33 10.37
CA GLN A 84 18.81 11.28 9.50
C GLN A 84 18.70 12.21 8.30
N ALA A 85 17.50 12.33 7.74
CA ALA A 85 17.28 13.19 6.59
C ALA A 85 17.11 14.64 6.99
N GLY A 86 16.86 14.89 8.28
CA GLY A 86 16.66 16.25 8.75
C GLY A 86 15.30 16.84 8.42
N ILE A 87 14.29 16.00 8.24
CA ILE A 87 12.96 16.53 7.94
C ILE A 87 12.00 16.30 9.08
N PRO A 88 10.98 17.16 9.17
CA PRO A 88 10.01 16.98 10.27
C PRO A 88 9.09 15.79 10.13
N LEU A 89 8.63 15.30 11.27
CA LEU A 89 7.74 14.15 11.34
C LEU A 89 6.47 14.48 12.12
N ALA A 90 5.33 14.28 11.49
CA ALA A 90 4.04 14.51 12.12
C ALA A 90 3.48 13.12 12.42
N VAL A 91 3.26 12.82 13.70
CA VAL A 91 2.73 11.50 14.06
C VAL A 91 1.24 11.36 13.74
N GLY A 92 0.75 10.11 13.75
CA GLY A 92 -0.66 9.85 13.54
C GLY A 92 -1.41 10.28 14.80
N SER A 93 -2.74 10.11 14.83
CA SER A 93 -3.52 10.53 16.00
C SER A 93 -3.05 9.93 17.33
N GLN A 94 -2.94 10.77 18.35
CA GLN A 94 -2.51 10.31 19.67
C GLN A 94 -3.69 10.13 20.61
N MET A 95 -4.90 10.30 20.10
CA MET A 95 -6.11 10.21 20.92
C MET A 95 -6.17 8.91 21.73
N SER A 96 -5.92 7.77 21.09
CA SER A 96 -5.98 6.51 21.81
C SER A 96 -4.76 6.29 22.72
N ALA A 97 -3.60 6.78 22.30
CA ALA A 97 -2.37 6.66 23.09
C ALA A 97 -2.47 7.42 24.42
N LEU A 98 -3.37 8.39 24.47
CA LEU A 98 -3.58 9.19 25.66
C LEU A 98 -4.10 8.35 26.84
N LYS A 99 -4.83 7.27 26.54
CA LYS A 99 -5.35 6.44 27.62
C LYS A 99 -4.87 5.00 27.56
N ASP A 100 -3.94 4.73 26.65
CA ASP A 100 -3.40 3.38 26.49
C ASP A 100 -1.89 3.44 26.67
N PRO A 101 -1.41 3.06 27.87
CA PRO A 101 0.02 3.06 28.19
C PRO A 101 0.88 2.34 27.16
N SER A 102 0.32 1.29 26.56
CA SER A 102 1.07 0.52 25.59
C SER A 102 1.19 1.27 24.27
N GLU A 103 0.09 1.81 23.77
CA GLU A 103 0.15 2.55 22.53
C GLU A 103 1.00 3.82 22.74
N ARG A 104 1.02 4.34 23.97
CA ARG A 104 1.81 5.53 24.28
C ARG A 104 3.29 5.30 23.92
N LEU A 105 3.78 4.08 24.14
CA LEU A 105 5.17 3.74 23.81
C LEU A 105 5.50 3.90 22.33
N SER A 106 4.50 3.72 21.48
CA SER A 106 4.66 3.86 20.02
C SER A 106 4.79 5.30 19.56
N TYR A 107 4.58 6.24 20.47
CA TYR A 107 4.73 7.67 20.17
C TYR A 107 5.97 8.17 20.88
N GLU A 108 6.16 7.76 22.12
CA GLU A 108 7.36 8.18 22.86
C GLU A 108 8.62 7.75 22.11
N ILE A 109 8.56 6.62 21.41
CA ILE A 109 9.73 6.14 20.64
C ILE A 109 10.19 7.13 19.59
N VAL A 110 9.25 7.87 19.00
CA VAL A 110 9.62 8.82 17.97
C VAL A 110 10.61 9.87 18.52
N ARG A 111 10.33 10.41 19.70
CA ARG A 111 11.26 11.41 20.26
C ARG A 111 12.55 10.75 20.77
N LYS A 112 12.45 9.56 21.32
CA LYS A 112 13.64 8.86 21.81
C LYS A 112 14.63 8.57 20.67
N GLU A 113 14.09 8.24 19.51
CA GLU A 113 14.94 7.92 18.35
C GLU A 113 15.33 9.17 17.53
N ASN A 114 14.60 10.28 17.71
CA ASN A 114 14.83 11.52 16.96
C ASN A 114 14.78 12.64 18.00
N PRO A 115 15.84 12.75 18.82
CA PRO A 115 15.95 13.76 19.89
C PRO A 115 16.05 15.22 19.45
N ASN A 116 16.62 15.46 18.29
CA ASN A 116 16.82 16.83 17.84
C ASN A 116 15.99 17.30 16.67
N GLY A 117 15.15 16.44 16.09
CA GLY A 117 14.36 16.87 14.96
C GLY A 117 12.99 17.43 15.32
N LEU A 118 12.35 18.06 14.33
CA LEU A 118 11.01 18.63 14.52
C LEU A 118 9.99 17.52 14.47
N ILE A 119 9.14 17.47 15.49
CA ILE A 119 8.09 16.47 15.53
C ILE A 119 6.80 17.18 15.88
N PHE A 120 5.73 16.84 15.16
CA PHE A 120 4.44 17.45 15.41
C PHE A 120 3.47 16.46 16.05
N ALA A 121 2.81 16.88 17.14
CA ALA A 121 1.80 16.06 17.80
C ALA A 121 0.54 16.10 16.95
N ASN A 122 -0.44 15.25 17.25
CA ASN A 122 -1.64 15.16 16.44
C ASN A 122 -2.85 14.68 17.22
N LEU A 123 -3.91 15.50 17.24
CA LEU A 123 -5.18 15.15 17.88
C LEU A 123 -6.32 15.70 17.01
N GLY A 124 -7.55 15.23 17.29
CA GLY A 124 -8.70 15.72 16.57
C GLY A 124 -9.26 16.97 17.22
N SER A 125 -10.17 17.65 16.53
CA SER A 125 -10.79 18.88 17.03
C SER A 125 -11.66 18.69 18.28
N GLU A 126 -12.00 17.45 18.59
CA GLU A 126 -12.80 17.15 19.78
C GLU A 126 -11.91 17.15 21.02
N ALA A 127 -10.59 17.05 20.83
CA ALA A 127 -9.67 17.04 21.97
C ALA A 127 -9.86 18.26 22.87
N THR A 128 -9.56 18.08 24.15
CA THR A 128 -9.67 19.18 25.10
C THR A 128 -8.28 19.80 25.23
N ALA A 129 -8.23 20.96 25.88
CA ALA A 129 -6.95 21.61 26.08
C ALA A 129 -6.01 20.72 26.89
N ALA A 130 -6.55 19.96 27.84
CA ALA A 130 -5.72 19.07 28.68
C ALA A 130 -5.14 17.92 27.87
N GLN A 131 -5.91 17.44 26.90
CA GLN A 131 -5.44 16.36 26.05
C GLN A 131 -4.34 16.88 25.15
N ALA A 132 -4.52 18.10 24.66
CA ALA A 132 -3.55 18.74 23.77
C ALA A 132 -2.19 18.84 24.47
N LYS A 133 -2.22 19.31 25.73
CA LYS A 133 -0.99 19.46 26.49
C LYS A 133 -0.33 18.08 26.70
N GLU A 134 -1.14 17.07 26.98
CA GLU A 134 -0.59 15.73 27.20
C GLU A 134 0.04 15.15 25.94
N ALA A 135 -0.60 15.37 24.79
CA ALA A 135 -0.08 14.87 23.51
C ALA A 135 1.23 15.56 23.19
N VAL A 136 1.31 16.86 23.46
CA VAL A 136 2.57 17.56 23.21
C VAL A 136 3.69 17.03 24.12
N GLU A 137 3.42 16.89 25.42
CA GLU A 137 4.47 16.41 26.33
C GLU A 137 4.90 14.97 26.05
N MET A 138 3.97 14.14 25.61
CA MET A 138 4.25 12.74 25.31
C MET A 138 5.47 12.55 24.38
N ILE A 139 5.60 13.40 23.38
CA ILE A 139 6.69 13.30 22.40
C ILE A 139 7.57 14.56 22.32
N GLY A 140 7.49 15.41 23.35
CA GLY A 140 8.26 16.65 23.35
C GLY A 140 8.08 17.35 22.01
N ALA A 141 6.82 17.48 21.58
CA ALA A 141 6.50 18.08 20.30
C ALA A 141 6.88 19.56 20.14
N ASN A 142 7.21 19.94 18.91
CA ASN A 142 7.56 21.32 18.59
C ASN A 142 6.35 22.05 18.02
N ALA A 143 5.28 21.29 17.74
CA ALA A 143 4.04 21.84 17.20
C ALA A 143 2.95 20.80 17.39
N LEU A 144 1.70 21.25 17.29
CA LEU A 144 0.53 20.41 17.46
C LEU A 144 -0.45 20.58 16.30
N GLN A 145 -0.75 19.47 15.63
CA GLN A 145 -1.74 19.48 14.57
C GLN A 145 -3.11 19.14 15.18
N ILE A 146 -4.13 19.90 14.80
CA ILE A 146 -5.49 19.63 15.25
C ILE A 146 -6.26 19.43 13.95
N HIS A 147 -6.89 18.28 13.79
CA HIS A 147 -7.62 17.97 12.55
C HIS A 147 -9.10 18.28 12.59
N LEU A 148 -9.59 18.87 11.49
CA LEU A 148 -11.01 19.17 11.30
C LEU A 148 -11.55 18.33 10.12
N ASN A 149 -12.78 17.87 10.24
CA ASN A 149 -13.42 17.09 9.16
C ASN A 149 -14.89 16.90 9.47
N VAL A 150 -15.65 17.97 9.37
CA VAL A 150 -17.08 17.93 9.64
C VAL A 150 -17.84 17.05 8.66
N ILE A 151 -17.52 17.15 7.38
CA ILE A 151 -18.22 16.34 6.37
C ILE A 151 -18.18 14.84 6.68
N GLN A 152 -16.99 14.33 6.99
CA GLN A 152 -16.87 12.90 7.31
C GLN A 152 -17.54 12.54 8.63
N GLU A 153 -17.54 13.48 9.56
CA GLU A 153 -18.13 13.26 10.88
C GLU A 153 -19.64 13.50 10.92
N ILE A 154 -20.30 13.36 9.78
CA ILE A 154 -21.75 13.57 9.70
C ILE A 154 -22.39 12.74 8.59
N PHE A 163 -19.40 19.82 16.42
CA PHE A 163 -19.87 20.93 15.61
C PHE A 163 -19.79 22.24 16.41
N SER A 164 -20.75 22.44 17.30
CA SER A 164 -20.78 23.64 18.12
C SER A 164 -19.62 23.66 19.11
N GLY A 165 -18.98 24.82 19.25
CA GLY A 165 -17.86 24.95 20.17
C GLY A 165 -16.53 24.54 19.57
N ALA A 166 -16.52 24.02 18.35
CA ALA A 166 -15.27 23.61 17.73
C ALA A 166 -14.25 24.74 17.74
N LEU A 167 -14.60 25.90 17.20
CA LEU A 167 -13.65 27.01 17.17
C LEU A 167 -13.21 27.43 18.58
N LYS A 168 -14.16 27.44 19.51
CA LYS A 168 -13.84 27.85 20.88
C LYS A 168 -12.85 26.86 21.51
N ARG A 169 -13.03 25.57 21.23
CA ARG A 169 -12.13 24.53 21.74
C ARG A 169 -10.73 24.74 21.14
N ILE A 170 -10.68 25.09 19.86
CA ILE A 170 -9.39 25.34 19.20
C ILE A 170 -8.74 26.59 19.80
N GLU A 171 -9.53 27.62 20.07
CA GLU A 171 -8.97 28.82 20.70
C GLU A 171 -8.32 28.48 22.05
N GLN A 172 -9.01 27.70 22.89
CA GLN A 172 -8.49 27.30 24.20
C GLN A 172 -7.24 26.46 24.06
N ILE A 173 -7.23 25.55 23.09
CA ILE A 173 -6.04 24.73 22.82
C ILE A 173 -4.87 25.64 22.47
N CYS A 174 -5.06 26.61 21.58
CA CYS A 174 -3.98 27.52 21.20
C CYS A 174 -3.51 28.34 22.40
N SER A 175 -4.43 28.68 23.27
CA SER A 175 -4.06 29.45 24.48
C SER A 175 -3.26 28.62 25.47
N ARG A 176 -3.73 27.39 25.72
CA ARG A 176 -3.12 26.50 26.69
C ARG A 176 -1.78 25.86 26.31
N VAL A 177 -1.58 25.53 25.02
CA VAL A 177 -0.29 24.95 24.64
C VAL A 177 0.60 26.09 24.15
N SER A 178 1.88 26.00 24.48
CA SER A 178 2.86 27.02 24.10
C SER A 178 3.36 26.85 22.67
N VAL A 179 3.41 25.60 22.19
CA VAL A 179 3.90 25.37 20.85
C VAL A 179 2.91 25.83 19.79
N PRO A 180 3.39 26.10 18.57
CA PRO A 180 2.48 26.54 17.51
C PRO A 180 1.44 25.44 17.20
N VAL A 181 0.21 25.86 16.93
CA VAL A 181 -0.87 24.92 16.63
C VAL A 181 -1.18 25.06 15.13
N ILE A 182 -1.26 23.92 14.46
CA ILE A 182 -1.55 23.86 13.02
C ILE A 182 -2.93 23.20 12.89
N VAL A 183 -3.88 23.91 12.31
CA VAL A 183 -5.21 23.35 12.14
C VAL A 183 -5.30 22.80 10.72
N LYS A 184 -5.61 21.51 10.63
CA LYS A 184 -5.69 20.82 9.35
C LYS A 184 -7.11 20.48 8.95
N GLU A 185 -7.43 20.75 7.68
CA GLU A 185 -8.74 20.44 7.13
C GLU A 185 -8.47 19.22 6.26
N VAL A 186 -9.25 18.15 6.46
CA VAL A 186 -9.10 16.93 5.70
C VAL A 186 -10.10 16.79 4.53
N GLY A 187 -9.60 16.70 3.31
CA GLY A 187 -10.47 16.48 2.16
C GLY A 187 -11.35 17.51 1.45
N PHE A 188 -11.78 18.58 2.10
CA PHE A 188 -12.63 19.55 1.38
C PHE A 188 -12.09 20.96 1.19
N GLY A 189 -10.82 21.17 1.50
CA GLY A 189 -10.24 22.49 1.32
C GLY A 189 -10.63 23.46 2.41
N MET A 190 -10.13 24.69 2.31
CA MET A 190 -10.42 25.70 3.34
C MET A 190 -10.53 27.08 2.71
N SER A 191 -11.60 27.78 3.06
CA SER A 191 -11.87 29.12 2.57
C SER A 191 -11.09 30.17 3.37
N LYS A 192 -10.98 31.36 2.80
CA LYS A 192 -10.27 32.42 3.48
C LYS A 192 -11.01 32.82 4.77
N ALA A 193 -12.33 32.77 4.78
CA ALA A 193 -13.06 33.11 6.01
C ALA A 193 -12.76 32.10 7.12
N SER A 194 -12.66 30.81 6.77
CA SER A 194 -12.36 29.78 7.75
C SER A 194 -10.95 29.95 8.30
N ALA A 195 -9.99 30.22 7.42
CA ALA A 195 -8.61 30.40 7.90
C ALA A 195 -8.56 31.63 8.82
N GLY A 196 -9.25 32.72 8.44
CA GLY A 196 -9.25 33.91 9.26
C GLY A 196 -9.71 33.64 10.69
N LYS A 197 -10.76 32.85 10.82
CA LYS A 197 -11.28 32.48 12.13
C LYS A 197 -10.25 31.68 12.92
N LEU A 198 -9.58 30.74 12.25
CA LEU A 198 -8.57 29.94 12.92
C LEU A 198 -7.38 30.80 13.35
N TYR A 199 -6.95 31.71 12.49
CA TYR A 199 -5.83 32.58 12.87
C TYR A 199 -6.25 33.48 14.05
N GLU A 200 -7.48 33.99 14.04
CA GLU A 200 -7.93 34.81 15.16
C GLU A 200 -8.01 34.00 16.44
N ALA A 201 -8.33 32.71 16.33
CA ALA A 201 -8.41 31.86 17.51
C ALA A 201 -7.01 31.57 18.08
N GLY A 202 -5.98 31.89 17.31
CA GLY A 202 -4.63 31.65 17.78
C GLY A 202 -3.80 30.62 17.01
N ALA A 203 -4.36 30.01 15.97
CA ALA A 203 -3.60 29.01 15.19
C ALA A 203 -2.35 29.63 14.55
N ALA A 204 -1.21 28.94 14.63
CA ALA A 204 -0.01 29.45 13.97
C ALA A 204 -0.05 29.17 12.45
N ALA A 205 -0.81 28.15 12.04
CA ALA A 205 -0.85 27.80 10.62
C ALA A 205 -2.08 26.98 10.28
N VAL A 206 -2.42 26.95 8.99
CA VAL A 206 -3.51 26.08 8.55
C VAL A 206 -2.85 25.10 7.56
N ASP A 207 -3.35 23.87 7.54
CA ASP A 207 -2.84 22.81 6.69
C ASP A 207 -4.02 22.40 5.79
N ILE A 208 -3.85 22.61 4.49
CA ILE A 208 -4.88 22.28 3.50
C ILE A 208 -4.59 20.85 3.07
N GLY A 209 -5.35 19.90 3.62
CA GLY A 209 -5.14 18.49 3.33
C GLY A 209 -5.93 18.03 2.12
N GLY A 210 -6.29 18.99 1.26
CA GLY A 210 -7.07 18.71 0.07
C GLY A 210 -6.92 17.30 -0.50
N ARG A 226 -26.50 7.46 1.43
CA ARG A 226 -27.27 8.34 0.54
C ARG A 226 -26.84 9.80 0.68
N GLN A 227 -26.28 10.14 1.84
CA GLN A 227 -25.83 11.50 2.11
C GLN A 227 -24.46 11.76 1.49
N ILE A 228 -23.67 10.70 1.38
CA ILE A 228 -22.33 10.79 0.82
C ILE A 228 -22.35 11.38 -0.59
N SER A 229 -23.40 11.07 -1.34
CA SER A 229 -23.54 11.58 -2.70
C SER A 229 -23.55 13.11 -2.74
N PHE A 230 -24.13 13.73 -1.71
CA PHE A 230 -24.22 15.18 -1.63
C PHE A 230 -22.85 15.84 -1.70
N PHE A 231 -21.83 15.13 -1.24
CA PHE A 231 -20.50 15.69 -1.23
C PHE A 231 -19.56 15.24 -2.34
N ASN A 232 -20.13 14.66 -3.39
CA ASN A 232 -19.34 14.19 -4.54
C ASN A 232 -18.56 15.30 -5.24
N SER A 233 -19.15 16.51 -5.29
CA SER A 233 -18.51 17.64 -5.95
C SER A 233 -18.47 18.78 -4.95
N TRP A 234 -18.18 18.45 -3.69
CA TRP A 234 -18.16 19.44 -2.62
C TRP A 234 -16.74 19.90 -2.29
N GLY A 235 -16.57 21.13 -1.83
CA GLY A 235 -15.25 21.55 -1.44
C GLY A 235 -14.50 22.55 -2.29
N ILE A 236 -13.31 22.90 -1.80
CA ILE A 236 -12.41 23.84 -2.44
C ILE A 236 -11.13 23.08 -2.69
N SER A 237 -10.55 23.18 -3.89
CA SER A 237 -9.32 22.44 -4.16
C SER A 237 -8.14 23.01 -3.36
N THR A 238 -7.07 22.23 -3.29
CA THR A 238 -5.85 22.68 -2.61
C THR A 238 -5.34 23.98 -3.27
N ALA A 239 -5.25 24.00 -4.60
CA ALA A 239 -4.76 25.19 -5.27
C ALA A 239 -5.60 26.43 -4.99
N ALA A 240 -6.92 26.32 -5.08
CA ALA A 240 -7.78 27.47 -4.83
C ALA A 240 -7.74 27.89 -3.35
N SER A 241 -7.68 26.93 -2.44
CA SER A 241 -7.63 27.25 -1.00
C SER A 241 -6.38 28.07 -0.71
N LEU A 242 -5.24 27.60 -1.19
CA LEU A 242 -3.97 28.31 -0.95
C LEU A 242 -4.01 29.74 -1.50
N ALA A 243 -4.45 29.89 -2.75
CA ALA A 243 -4.53 31.22 -3.35
C ALA A 243 -5.51 32.12 -2.61
N GLU A 244 -6.67 31.58 -2.26
CA GLU A 244 -7.70 32.34 -1.54
C GLU A 244 -7.20 32.80 -0.17
N ILE A 245 -6.64 31.88 0.60
CA ILE A 245 -6.15 32.24 1.94
C ILE A 245 -5.00 33.22 1.86
N ARG A 246 -4.06 32.99 0.95
CA ARG A 246 -2.92 33.88 0.80
C ARG A 246 -3.33 35.33 0.44
N SER A 247 -4.38 35.47 -0.38
CA SER A 247 -4.86 36.81 -0.78
C SER A 247 -5.30 37.63 0.43
N GLU A 248 -5.84 36.97 1.45
CA GLU A 248 -6.28 37.69 2.65
C GLU A 248 -5.23 37.75 3.76
N PHE A 249 -4.39 36.73 3.86
CA PHE A 249 -3.35 36.69 4.92
C PHE A 249 -2.00 36.38 4.27
N PRO A 250 -1.43 37.37 3.55
CA PRO A 250 -0.14 37.24 2.85
C PRO A 250 1.06 36.81 3.66
N ALA A 251 1.07 37.12 4.95
CA ALA A 251 2.20 36.77 5.81
C ALA A 251 1.92 35.59 6.73
N SER A 252 0.77 34.95 6.58
CA SER A 252 0.43 33.82 7.45
C SER A 252 0.95 32.48 6.96
N THR A 253 1.16 31.55 7.87
CA THR A 253 1.70 30.25 7.49
C THR A 253 0.63 29.29 6.97
N MET A 254 0.89 28.74 5.79
CA MET A 254 -0.02 27.76 5.20
C MET A 254 0.82 26.56 4.85
N ILE A 255 0.21 25.39 5.00
CA ILE A 255 0.84 24.13 4.69
C ILE A 255 -0.11 23.41 3.76
N ALA A 256 0.44 22.63 2.82
CA ALA A 256 -0.41 21.84 1.93
C ALA A 256 0.03 20.39 2.14
N SER A 257 -0.93 19.48 2.33
CA SER A 257 -0.56 18.08 2.52
C SER A 257 -1.59 17.19 1.82
N GLY A 258 -1.26 15.92 1.57
CA GLY A 258 -2.24 15.09 0.88
C GLY A 258 -2.48 15.43 -0.59
N GLY A 259 -2.35 14.42 -1.44
CA GLY A 259 -2.57 14.65 -2.85
C GLY A 259 -1.37 15.16 -3.63
N LEU A 260 -0.29 15.55 -2.97
CA LEU A 260 0.88 16.04 -3.70
C LEU A 260 1.59 14.82 -4.23
N GLN A 261 1.63 14.68 -5.56
CA GLN A 261 2.23 13.51 -6.18
C GLN A 261 3.74 13.50 -6.34
N ASP A 262 4.36 14.66 -6.51
CA ASP A 262 5.80 14.69 -6.72
C ASP A 262 6.37 16.06 -6.42
N ALA A 263 7.66 16.25 -6.69
CA ALA A 263 8.30 17.54 -6.39
C ALA A 263 7.68 18.72 -7.15
N LEU A 264 7.12 18.48 -8.32
CA LEU A 264 6.49 19.56 -9.07
C LEU A 264 5.26 20.08 -8.33
N ASP A 265 4.47 19.17 -7.75
CA ASP A 265 3.28 19.59 -6.99
C ASP A 265 3.71 20.36 -5.74
N VAL A 266 4.80 19.92 -5.12
CA VAL A 266 5.35 20.56 -3.95
C VAL A 266 5.76 21.96 -4.34
N ALA A 267 6.47 22.08 -5.47
CA ALA A 267 6.91 23.40 -5.93
C ALA A 267 5.71 24.31 -6.20
N LYS A 268 4.67 23.78 -6.84
CA LYS A 268 3.51 24.61 -7.14
C LYS A 268 2.77 25.08 -5.90
N ALA A 269 2.63 24.19 -4.90
CA ALA A 269 1.95 24.56 -3.66
C ALA A 269 2.76 25.66 -2.95
N ILE A 270 4.10 25.54 -2.99
CA ILE A 270 4.93 26.58 -2.38
C ILE A 270 4.77 27.92 -3.14
N ALA A 271 4.73 27.86 -4.47
CA ALA A 271 4.56 29.07 -5.27
C ALA A 271 3.20 29.71 -5.00
N LEU A 272 2.22 28.90 -4.62
CA LEU A 272 0.89 29.42 -4.32
C LEU A 272 0.85 29.97 -2.90
N GLY A 273 1.95 29.83 -2.16
CA GLY A 273 1.96 30.39 -0.83
C GLY A 273 2.30 29.48 0.33
N ALA A 274 2.32 28.16 0.12
CA ALA A 274 2.64 27.23 1.21
C ALA A 274 4.07 27.38 1.74
N SER A 275 4.26 27.27 3.05
CA SER A 275 5.61 27.37 3.61
C SER A 275 6.25 25.99 3.74
N CYS A 276 5.41 24.97 3.77
CA CYS A 276 5.87 23.59 3.94
C CYS A 276 4.80 22.69 3.34
N THR A 277 5.15 21.45 2.99
CA THR A 277 4.20 20.50 2.43
C THR A 277 4.33 19.15 3.11
N GLY A 278 3.21 18.44 3.26
CA GLY A 278 3.26 17.13 3.90
C GLY A 278 3.01 16.02 2.88
N MET A 279 3.62 14.86 3.13
CA MET A 279 3.48 13.69 2.26
C MET A 279 3.40 12.42 3.11
N ALA A 280 2.53 11.50 2.75
CA ALA A 280 2.40 10.24 3.49
C ALA A 280 2.63 9.02 2.60
N GLY A 281 1.58 8.66 1.86
CA GLY A 281 1.61 7.50 0.97
C GLY A 281 2.93 7.08 0.36
N HIS A 282 3.53 7.96 -0.41
CA HIS A 282 4.78 7.67 -1.07
C HIS A 282 5.89 7.24 -0.10
N PHE A 283 5.99 7.93 1.03
CA PHE A 283 7.02 7.58 2.00
C PHE A 283 6.67 6.26 2.70
N LEU A 284 5.40 6.08 3.03
CA LEU A 284 4.94 4.87 3.71
C LEU A 284 5.23 3.64 2.85
N LYS A 285 4.91 3.75 1.56
CA LYS A 285 5.14 2.65 0.60
C LYS A 285 6.64 2.34 0.50
N ALA A 286 7.46 3.38 0.45
CA ALA A 286 8.90 3.19 0.36
C ALA A 286 9.43 2.43 1.57
N LEU A 287 8.89 2.76 2.74
CA LEU A 287 9.32 2.11 3.98
C LEU A 287 8.93 0.63 3.95
N THR A 288 7.68 0.34 3.66
CA THR A 288 7.21 -1.04 3.62
C THR A 288 7.89 -1.89 2.54
N ASP A 289 8.24 -1.27 1.41
CA ASP A 289 8.87 -1.98 0.31
C ASP A 289 10.40 -2.07 0.37
N SER A 290 11.04 -1.02 0.88
CA SER A 290 12.49 -1.00 0.91
C SER A 290 13.09 -0.65 2.26
N GLY A 291 12.28 -0.67 3.31
CA GLY A 291 12.79 -0.36 4.63
C GLY A 291 13.26 1.07 4.82
N GLU A 292 13.96 1.32 5.93
CA GLU A 292 14.45 2.65 6.26
C GLU A 292 15.36 3.22 5.19
N GLU A 293 16.25 2.39 4.67
CA GLU A 293 17.19 2.81 3.66
C GLU A 293 16.43 3.27 2.41
N GLY A 294 15.35 2.57 2.09
CA GLY A 294 14.56 2.95 0.92
C GLY A 294 13.85 4.28 1.14
N LEU A 295 13.28 4.45 2.33
CA LEU A 295 12.57 5.68 2.69
C LEU A 295 13.55 6.87 2.63
N LEU A 296 14.72 6.71 3.23
CA LEU A 296 15.71 7.77 3.20
C LEU A 296 16.07 8.15 1.77
N GLU A 297 16.19 7.13 0.91
CA GLU A 297 16.51 7.40 -0.49
C GLU A 297 15.39 8.18 -1.17
N GLU A 298 14.15 7.81 -0.89
CA GLU A 298 13.02 8.49 -1.48
C GLU A 298 12.94 9.94 -1.00
N ILE A 299 13.24 10.15 0.28
CA ILE A 299 13.22 11.49 0.84
C ILE A 299 14.29 12.36 0.17
N GLN A 300 15.51 11.83 0.06
CA GLN A 300 16.61 12.57 -0.55
C GLN A 300 16.32 12.87 -2.02
N LEU A 301 15.65 11.93 -2.66
CA LEU A 301 15.32 12.06 -4.06
C LEU A 301 14.37 13.22 -4.34
N ILE A 302 13.24 13.22 -3.64
CA ILE A 302 12.26 14.27 -3.87
C ILE A 302 12.84 15.64 -3.51
N LEU A 303 13.71 15.71 -2.50
CA LEU A 303 14.32 16.99 -2.16
C LEU A 303 15.24 17.46 -3.29
N GLU A 304 15.99 16.52 -3.88
CA GLU A 304 16.88 16.92 -4.98
C GLU A 304 16.08 17.35 -6.21
N GLU A 305 14.97 16.68 -6.46
CA GLU A 305 14.10 17.03 -7.57
C GLU A 305 13.48 18.42 -7.36
N LEU A 306 13.16 18.76 -6.12
CA LEU A 306 12.60 20.08 -5.85
C LEU A 306 13.68 21.13 -6.14
N LYS A 307 14.91 20.87 -5.72
CA LYS A 307 16.01 21.82 -5.97
C LYS A 307 16.25 21.98 -7.48
N LEU A 308 16.07 20.91 -8.23
CA LEU A 308 16.24 20.94 -9.67
C LEU A 308 15.22 21.88 -10.29
N ILE A 309 13.97 21.76 -9.85
CA ILE A 309 12.90 22.60 -10.36
C ILE A 309 13.19 24.05 -9.99
N MET A 310 13.62 24.26 -8.75
CA MET A 310 13.95 25.61 -8.31
C MET A 310 15.11 26.19 -9.13
N THR A 311 16.08 25.34 -9.45
CA THR A 311 17.22 25.78 -10.24
C THR A 311 16.76 26.32 -11.61
N VAL A 312 15.93 25.53 -12.29
CA VAL A 312 15.39 25.88 -13.60
C VAL A 312 14.55 27.16 -13.58
N LEU A 313 13.89 27.42 -12.45
CA LEU A 313 13.05 28.60 -12.28
C LEU A 313 13.85 29.80 -11.81
N GLY A 314 15.13 29.58 -11.52
CA GLY A 314 15.97 30.66 -11.02
C GLY A 314 15.57 31.06 -9.60
N ALA A 315 15.00 30.13 -8.85
CA ALA A 315 14.57 30.41 -7.47
C ALA A 315 15.62 29.86 -6.51
N ARG A 316 16.36 30.77 -5.89
CA ARG A 316 17.42 30.36 -4.99
C ARG A 316 16.95 29.90 -3.61
N THR A 317 15.86 30.50 -3.14
CA THR A 317 15.32 30.17 -1.82
C THR A 317 13.82 29.91 -1.88
N ILE A 318 13.27 29.42 -0.76
CA ILE A 318 11.83 29.16 -0.69
C ILE A 318 11.08 30.48 -0.88
N ALA A 319 11.61 31.56 -0.32
CA ALA A 319 10.98 32.86 -0.47
C ALA A 319 10.86 33.24 -1.96
N ASP A 320 11.91 32.93 -2.73
CA ASP A 320 11.93 33.21 -4.18
C ASP A 320 10.90 32.32 -4.88
N LEU A 321 10.80 31.06 -4.47
CA LEU A 321 9.83 30.17 -5.12
C LEU A 321 8.40 30.66 -4.86
N GLN A 322 8.15 31.19 -3.65
CA GLN A 322 6.82 31.69 -3.30
C GLN A 322 6.46 32.92 -4.14
N LYS A 323 7.40 33.45 -4.91
CA LYS A 323 7.14 34.60 -5.76
C LYS A 323 7.40 34.27 -7.23
N ALA A 324 7.54 32.98 -7.54
CA ALA A 324 7.81 32.59 -8.93
C ALA A 324 6.61 32.88 -9.84
N PRO A 325 6.81 33.58 -10.96
CA PRO A 325 5.69 33.89 -11.86
C PRO A 325 5.01 32.61 -12.37
N LEU A 326 3.68 32.62 -12.41
CA LEU A 326 2.95 31.46 -12.89
C LEU A 326 1.58 31.94 -13.41
N VAL A 327 0.91 31.09 -14.17
CA VAL A 327 -0.40 31.40 -14.74
C VAL A 327 -1.41 30.38 -14.23
N ILE A 328 -2.54 30.86 -13.74
CA ILE A 328 -3.60 30.00 -13.24
C ILE A 328 -4.67 29.90 -14.31
N LYS A 329 -5.13 28.69 -14.59
CA LYS A 329 -6.18 28.53 -15.60
C LYS A 329 -7.29 27.60 -15.11
N GLY A 330 -8.19 27.27 -16.04
CA GLY A 330 -9.26 26.34 -15.75
C GLY A 330 -10.19 26.63 -14.59
N GLU A 331 -10.63 25.55 -13.94
CA GLU A 331 -11.57 25.68 -12.82
C GLU A 331 -11.02 26.50 -11.69
N THR A 332 -9.72 26.37 -11.42
CA THR A 332 -9.10 27.14 -10.34
C THR A 332 -9.17 28.62 -10.68
N HIS A 333 -8.88 28.95 -11.94
CA HIS A 333 -8.95 30.35 -12.34
C HIS A 333 -10.36 30.89 -12.18
N HIS A 334 -11.35 30.14 -12.67
CA HIS A 334 -12.72 30.60 -12.57
C HIS A 334 -13.15 30.79 -11.10
N TRP A 335 -12.86 29.81 -10.27
CA TRP A 335 -13.22 29.89 -8.86
C TRP A 335 -12.64 31.13 -8.20
N LEU A 336 -11.34 31.32 -8.38
CA LEU A 336 -10.67 32.46 -7.78
C LEU A 336 -11.24 33.79 -8.29
N THR A 337 -11.52 33.87 -9.58
CA THR A 337 -12.06 35.11 -10.15
C THR A 337 -13.42 35.46 -9.53
N GLU A 338 -14.30 34.46 -9.43
CA GLU A 338 -15.62 34.68 -8.83
C GLU A 338 -15.51 35.07 -7.34
N ARG A 339 -14.50 34.51 -6.67
CA ARG A 339 -14.26 34.78 -5.25
C ARG A 339 -13.54 36.10 -5.01
N GLY A 340 -13.24 36.82 -6.09
CA GLY A 340 -12.58 38.11 -5.98
C GLY A 340 -11.07 38.08 -5.73
N VAL A 341 -10.44 36.94 -6.00
CA VAL A 341 -9.00 36.82 -5.81
C VAL A 341 -8.29 37.16 -7.12
N ASN A 342 -7.33 38.06 -7.08
CA ASN A 342 -6.60 38.50 -8.26
C ASN A 342 -5.70 37.36 -8.74
N THR A 343 -5.88 36.92 -9.98
CA THR A 343 -5.06 35.84 -10.50
C THR A 343 -3.87 36.35 -11.32
N SER A 344 -4.05 37.47 -12.00
CA SER A 344 -2.99 38.03 -12.83
C SER A 344 -1.74 38.44 -12.04
N SER A 345 -1.91 38.78 -10.77
CA SER A 345 -0.76 39.18 -9.97
C SER A 345 0.27 38.05 -9.90
N TYR A 346 -0.18 36.80 -10.04
CA TYR A 346 0.72 35.65 -9.99
C TYR A 346 1.59 35.60 -11.25
N SER A 347 1.05 36.12 -12.34
CA SER A 347 1.71 36.10 -13.65
C SER A 347 2.59 37.30 -13.94
N VAL A 348 2.25 38.45 -13.35
CA VAL A 348 2.99 39.69 -13.59
C VAL A 348 4.01 39.99 -12.50
N ARG A 349 4.07 39.14 -11.48
CA ARG A 349 5.01 39.33 -10.39
C ARG A 349 6.41 38.89 -10.79
N GLU B 22 -4.79 -8.63 -17.45
CA GLU B 22 -6.02 -9.36 -17.03
C GLU B 22 -5.74 -10.84 -16.73
N THR B 23 -6.58 -11.41 -15.86
CA THR B 23 -6.43 -12.81 -15.48
C THR B 23 -7.22 -13.67 -16.43
N GLY B 24 -8.09 -13.05 -17.21
CA GLY B 24 -8.93 -13.81 -18.12
C GLY B 24 -10.15 -14.40 -17.41
N LEU B 25 -10.26 -14.23 -16.09
CA LEU B 25 -11.42 -14.78 -15.36
C LEU B 25 -12.74 -14.08 -15.73
N ASP B 26 -12.68 -12.86 -16.27
CA ASP B 26 -13.92 -12.19 -16.70
C ASP B 26 -14.52 -12.88 -17.94
N ASP B 27 -13.75 -13.78 -18.54
CA ASP B 27 -14.21 -14.55 -19.70
C ASP B 27 -14.93 -15.81 -19.24
N ILE B 28 -15.04 -15.99 -17.92
CA ILE B 28 -15.70 -17.17 -17.35
C ILE B 28 -17.06 -16.77 -16.74
N THR B 29 -18.12 -17.49 -17.08
CA THR B 29 -19.47 -17.21 -16.54
C THR B 29 -20.09 -18.49 -16.07
N PHE B 30 -20.33 -18.57 -14.77
CA PHE B 30 -20.97 -19.77 -14.22
C PHE B 30 -22.40 -19.91 -14.78
N VAL B 31 -22.84 -21.14 -15.01
CA VAL B 31 -24.21 -21.38 -15.47
C VAL B 31 -25.07 -21.28 -14.20
N HIS B 32 -26.01 -20.35 -14.20
CA HIS B 32 -26.90 -20.13 -13.05
C HIS B 32 -27.70 -21.38 -12.70
N VAL B 33 -27.73 -21.69 -11.40
CA VAL B 33 -28.46 -22.84 -10.86
C VAL B 33 -29.67 -22.23 -10.14
N SER B 34 -30.89 -22.57 -10.58
CA SER B 34 -32.09 -21.98 -9.97
C SER B 34 -32.52 -22.64 -8.66
N LEU B 35 -32.23 -23.93 -8.52
CA LEU B 35 -32.57 -24.73 -7.33
C LEU B 35 -31.31 -25.30 -6.65
N PRO B 36 -30.44 -24.44 -6.11
CA PRO B 36 -29.23 -24.95 -5.46
C PRO B 36 -29.47 -25.91 -4.30
N ASP B 37 -30.60 -25.77 -3.61
CA ASP B 37 -30.93 -26.72 -2.55
C ASP B 37 -29.85 -26.88 -1.48
N LEU B 38 -29.20 -25.78 -1.13
CA LEU B 38 -28.13 -25.83 -0.13
C LEU B 38 -28.21 -24.68 0.83
N ALA B 39 -27.88 -24.96 2.08
CA ALA B 39 -27.87 -23.93 3.11
C ALA B 39 -26.38 -23.61 3.26
N LEU B 40 -26.08 -22.33 3.47
CA LEU B 40 -24.70 -21.86 3.64
C LEU B 40 -23.92 -22.72 4.63
N GLU B 41 -24.60 -23.15 5.69
CA GLU B 41 -24.01 -23.96 6.76
C GLU B 41 -23.53 -25.32 6.32
N GLN B 42 -24.00 -25.80 5.17
CA GLN B 42 -23.58 -27.12 4.72
C GLN B 42 -22.33 -27.01 3.85
N VAL B 43 -21.96 -25.79 3.46
CA VAL B 43 -20.81 -25.62 2.58
C VAL B 43 -19.47 -25.93 3.23
N ASP B 44 -18.72 -26.84 2.60
CA ASP B 44 -17.40 -27.23 3.08
C ASP B 44 -16.34 -26.72 2.10
N ILE B 45 -15.47 -25.81 2.56
CA ILE B 45 -14.43 -25.26 1.70
C ILE B 45 -13.04 -25.85 1.89
N SER B 46 -12.96 -26.99 2.58
CA SER B 46 -11.67 -27.61 2.82
C SER B 46 -11.15 -28.14 1.49
N THR B 47 -9.83 -28.22 1.37
CA THR B 47 -9.24 -28.69 0.13
C THR B 47 -7.94 -29.42 0.38
N LYS B 48 -7.35 -29.90 -0.70
CA LYS B 48 -6.09 -30.60 -0.59
C LYS B 48 -5.11 -30.03 -1.59
N ILE B 49 -3.85 -29.97 -1.19
CA ILE B 49 -2.78 -29.50 -2.05
C ILE B 49 -1.84 -30.68 -2.06
N GLY B 50 -2.05 -31.59 -3.00
CA GLY B 50 -1.23 -32.79 -3.03
C GLY B 50 -1.71 -33.61 -1.86
N GLU B 51 -0.79 -34.02 -1.01
CA GLU B 51 -1.12 -34.81 0.17
C GLU B 51 -1.46 -33.90 1.35
N LEU B 52 -1.21 -32.59 1.20
CA LEU B 52 -1.49 -31.63 2.27
C LEU B 52 -2.97 -31.31 2.38
N SER B 53 -3.48 -31.28 3.60
CA SER B 53 -4.88 -30.98 3.83
C SER B 53 -5.01 -29.59 4.39
N SER B 54 -5.89 -28.80 3.77
CA SER B 54 -6.10 -27.45 4.23
C SER B 54 -7.59 -27.20 4.45
N SER B 55 -7.91 -26.46 5.50
CA SER B 55 -9.29 -26.14 5.81
C SER B 55 -9.76 -24.93 4.97
N SER B 56 -8.83 -24.27 4.28
CA SER B 56 -9.15 -23.10 3.45
C SER B 56 -8.60 -23.22 2.03
N PRO B 57 -9.35 -22.72 1.03
CA PRO B 57 -8.93 -22.77 -0.37
C PRO B 57 -8.23 -21.45 -0.74
N ILE B 58 -7.96 -20.62 0.27
CA ILE B 58 -7.27 -19.37 0.05
C ILE B 58 -6.08 -19.27 1.02
N PHE B 59 -4.92 -18.82 0.53
CA PHE B 59 -3.78 -18.66 1.43
C PHE B 59 -3.20 -17.28 1.25
N ILE B 60 -2.38 -16.87 2.21
CA ILE B 60 -1.75 -15.57 2.20
C ILE B 60 -0.35 -15.65 1.60
N ASN B 61 -0.07 -14.78 0.63
CA ASN B 61 1.24 -14.66 0.00
C ASN B 61 1.89 -13.43 0.65
N ALA B 62 2.86 -13.63 1.52
CA ALA B 62 3.53 -12.50 2.15
C ALA B 62 4.56 -11.93 1.17
N MET B 63 4.96 -10.68 1.37
CA MET B 63 5.96 -10.09 0.49
C MET B 63 7.31 -10.12 1.22
N THR B 64 8.39 -10.09 0.46
CA THR B 64 9.73 -10.10 1.03
C THR B 64 9.93 -8.89 1.95
N GLY B 65 9.33 -7.77 1.57
CA GLY B 65 9.45 -6.56 2.39
C GLY B 65 10.81 -5.90 2.34
N GLY B 66 10.99 -4.88 3.18
CA GLY B 66 12.26 -4.17 3.20
C GLY B 66 13.22 -4.61 4.28
N GLY B 67 12.93 -5.75 4.90
CA GLY B 67 13.79 -6.25 5.95
C GLY B 67 13.65 -5.46 7.23
N GLY B 68 14.53 -5.76 8.17
CA GLY B 68 14.52 -5.07 9.45
C GLY B 68 13.38 -5.51 10.34
N LYS B 69 13.30 -4.89 11.51
CA LYS B 69 12.26 -5.18 12.49
C LYS B 69 10.86 -5.01 11.95
N LEU B 70 10.70 -4.15 10.96
CA LEU B 70 9.38 -3.93 10.40
C LEU B 70 8.86 -5.18 9.68
N THR B 71 9.69 -5.79 8.84
CA THR B 71 9.29 -7.01 8.11
C THR B 71 9.02 -8.11 9.14
N TYR B 72 9.83 -8.13 10.20
CA TYR B 72 9.66 -9.10 11.29
C TYR B 72 8.25 -9.00 11.90
N GLU B 73 7.82 -7.79 12.24
CA GLU B 73 6.49 -7.63 12.83
C GLU B 73 5.37 -7.92 11.83
N ILE B 74 5.58 -7.58 10.55
CA ILE B 74 4.55 -7.85 9.54
C ILE B 74 4.41 -9.37 9.41
N ASN B 75 5.54 -10.06 9.30
CA ASN B 75 5.52 -11.53 9.19
C ASN B 75 4.88 -12.17 10.43
N LYS B 76 5.20 -11.64 11.62
CA LYS B 76 4.61 -12.15 12.84
C LYS B 76 3.09 -11.98 12.83
N SER B 77 2.62 -10.81 12.41
CA SER B 77 1.18 -10.56 12.33
C SER B 77 0.50 -11.45 11.31
N LEU B 78 1.12 -11.61 10.14
CA LEU B 78 0.53 -12.47 9.10
C LEU B 78 0.46 -13.90 9.63
N ALA B 79 1.52 -14.35 10.33
CA ALA B 79 1.51 -15.72 10.88
C ALA B 79 0.41 -15.87 11.95
N ARG B 80 0.25 -14.86 12.79
CA ARG B 80 -0.79 -14.87 13.81
C ARG B 80 -2.15 -14.96 13.16
N ALA B 81 -2.41 -14.10 12.18
CA ALA B 81 -3.71 -14.11 11.50
C ALA B 81 -3.95 -15.46 10.82
N ALA B 82 -2.94 -15.97 10.11
CA ALA B 82 -3.08 -17.26 9.43
C ALA B 82 -3.38 -18.37 10.42
N SER B 83 -2.72 -18.35 11.59
CA SER B 83 -2.96 -19.39 12.59
C SER B 83 -4.38 -19.37 13.15
N GLN B 84 -4.89 -18.18 13.42
CA GLN B 84 -6.24 -18.04 13.96
C GLN B 84 -7.31 -18.34 12.92
N ALA B 85 -7.14 -17.82 11.70
CA ALA B 85 -8.11 -18.07 10.63
C ALA B 85 -8.01 -19.51 10.08
N GLY B 86 -6.90 -20.17 10.41
CA GLY B 86 -6.70 -21.54 9.93
C GLY B 86 -6.36 -21.63 8.44
N ILE B 87 -5.72 -20.59 7.87
CA ILE B 87 -5.36 -20.64 6.44
C ILE B 87 -3.85 -20.72 6.27
N PRO B 88 -3.39 -21.25 5.13
CA PRO B 88 -1.94 -21.38 4.87
C PRO B 88 -1.26 -20.05 4.68
N LEU B 89 0.05 -20.03 4.87
CA LEU B 89 0.86 -18.82 4.71
C LEU B 89 2.08 -19.14 3.86
N ALA B 90 2.28 -18.41 2.79
CA ALA B 90 3.47 -18.59 1.95
C ALA B 90 4.34 -17.36 2.25
N VAL B 91 5.56 -17.59 2.73
CA VAL B 91 6.43 -16.46 3.06
C VAL B 91 7.06 -15.86 1.82
N GLY B 92 7.70 -14.70 2.01
CA GLY B 92 8.37 -14.03 0.90
C GLY B 92 9.68 -14.74 0.61
N SER B 93 10.42 -14.29 -0.39
CA SER B 93 11.67 -14.96 -0.72
C SER B 93 12.62 -15.07 0.47
N GLN B 94 13.12 -16.28 0.72
CA GLN B 94 14.04 -16.51 1.84
C GLN B 94 15.49 -16.48 1.39
N MET B 95 15.76 -16.13 0.12
CA MET B 95 17.12 -16.13 -0.40
C MET B 95 18.10 -15.30 0.44
N SER B 96 17.76 -14.06 0.74
CA SER B 96 18.66 -13.24 1.55
C SER B 96 18.74 -13.71 3.01
N ALA B 97 17.63 -14.21 3.56
CA ALA B 97 17.61 -14.69 4.95
C ALA B 97 18.57 -15.87 5.13
N LEU B 98 18.88 -16.56 4.03
CA LEU B 98 19.81 -17.69 4.07
C LEU B 98 21.19 -17.24 4.53
N LYS B 99 21.63 -16.06 4.13
CA LYS B 99 22.93 -15.58 4.56
C LYS B 99 22.89 -14.43 5.57
N ASP B 100 21.70 -13.89 5.84
CA ASP B 100 21.56 -12.80 6.79
C ASP B 100 20.87 -13.24 8.08
N PRO B 101 21.64 -13.44 9.17
CA PRO B 101 21.13 -13.88 10.48
C PRO B 101 19.95 -13.06 10.99
N SER B 102 20.01 -11.76 10.79
CA SER B 102 18.95 -10.88 11.25
C SER B 102 17.65 -11.14 10.48
N GLU B 103 17.75 -11.22 9.16
CA GLU B 103 16.58 -11.45 8.34
C GLU B 103 15.99 -12.83 8.66
N ARG B 104 16.87 -13.79 8.93
CA ARG B 104 16.41 -15.14 9.26
C ARG B 104 15.39 -15.13 10.40
N LEU B 105 15.58 -14.27 11.40
CA LEU B 105 14.63 -14.21 12.52
C LEU B 105 13.21 -13.83 12.07
N SER B 106 13.14 -13.04 11.01
CA SER B 106 11.86 -12.59 10.46
C SER B 106 11.06 -13.71 9.78
N TYR B 107 11.73 -14.83 9.51
CA TYR B 107 11.06 -16.01 8.93
C TYR B 107 10.82 -17.05 10.01
N GLU B 108 11.79 -17.27 10.88
CA GLU B 108 11.56 -18.23 11.96
C GLU B 108 10.38 -17.86 12.82
N ILE B 109 10.12 -16.55 12.97
CA ILE B 109 9.00 -16.10 13.80
C ILE B 109 7.65 -16.61 13.27
N VAL B 110 7.56 -16.84 11.97
CA VAL B 110 6.31 -17.33 11.39
C VAL B 110 5.91 -18.70 11.95
N ARG B 111 6.88 -19.60 12.08
CA ARG B 111 6.57 -20.94 12.63
C ARG B 111 6.37 -20.88 14.15
N LYS B 112 7.10 -20.00 14.84
CA LYS B 112 6.91 -19.87 16.30
C LYS B 112 5.51 -19.39 16.63
N GLU B 113 5.03 -18.43 15.84
CA GLU B 113 3.71 -17.85 16.03
C GLU B 113 2.57 -18.72 15.45
N ASN B 114 2.91 -19.60 14.52
CA ASN B 114 1.89 -20.46 13.88
C ASN B 114 2.45 -21.90 13.83
N PRO B 115 2.50 -22.59 14.99
CA PRO B 115 3.03 -23.95 15.08
C PRO B 115 2.27 -25.07 14.38
N ASN B 116 0.97 -24.88 14.21
CA ASN B 116 0.16 -25.93 13.61
C ASN B 116 -0.36 -25.66 12.21
N GLY B 117 -0.14 -24.46 11.67
CA GLY B 117 -0.67 -24.19 10.35
C GLY B 117 0.25 -24.58 9.19
N LEU B 118 -0.29 -24.62 7.98
CA LEU B 118 0.51 -24.92 6.81
C LEU B 118 1.31 -23.66 6.44
N ILE B 119 2.62 -23.82 6.25
CA ILE B 119 3.48 -22.71 5.88
C ILE B 119 4.34 -23.17 4.71
N PHE B 120 4.41 -22.36 3.67
CA PHE B 120 5.23 -22.70 2.49
C PHE B 120 6.50 -21.86 2.45
N ALA B 121 7.64 -22.51 2.25
CA ALA B 121 8.93 -21.85 2.11
C ALA B 121 8.97 -21.26 0.68
N ASN B 122 9.97 -20.44 0.39
CA ASN B 122 10.03 -19.75 -0.89
C ASN B 122 11.42 -19.39 -1.31
N LEU B 123 11.86 -19.90 -2.46
CA LEU B 123 13.17 -19.55 -3.05
C LEU B 123 13.02 -19.43 -4.57
N GLY B 124 14.02 -18.83 -5.21
CA GLY B 124 14.01 -18.69 -6.66
C GLY B 124 14.57 -19.93 -7.33
N SER B 125 14.41 -20.04 -8.65
CA SER B 125 14.89 -21.22 -9.38
C SER B 125 16.41 -21.38 -9.44
N GLU B 126 17.15 -20.37 -8.98
CA GLU B 126 18.60 -20.44 -8.96
C GLU B 126 19.06 -21.21 -7.70
N ALA B 127 18.12 -21.45 -6.79
CA ALA B 127 18.44 -22.16 -5.56
C ALA B 127 18.98 -23.57 -5.80
N THR B 128 19.86 -24.01 -4.91
CA THR B 128 20.41 -25.35 -4.98
C THR B 128 19.60 -26.21 -4.00
N ALA B 129 19.82 -27.52 -4.04
CA ALA B 129 19.14 -28.42 -3.12
C ALA B 129 19.48 -28.14 -1.66
N ALA B 130 20.74 -27.77 -1.38
CA ALA B 130 21.15 -27.47 0.00
C ALA B 130 20.39 -26.23 0.51
N GLN B 131 20.32 -25.22 -0.33
CA GLN B 131 19.62 -23.99 0.05
C GLN B 131 18.14 -24.27 0.27
N ALA B 132 17.56 -25.14 -0.57
CA ALA B 132 16.15 -25.52 -0.46
C ALA B 132 15.90 -26.19 0.89
N LYS B 133 16.76 -27.14 1.28
CA LYS B 133 16.58 -27.79 2.57
C LYS B 133 16.71 -26.79 3.70
N GLU B 134 17.64 -25.86 3.58
CA GLU B 134 17.82 -24.88 4.65
C GLU B 134 16.58 -23.96 4.78
N ALA B 135 15.98 -23.57 3.65
CA ALA B 135 14.81 -22.71 3.66
C ALA B 135 13.64 -23.44 4.32
N VAL B 136 13.50 -24.72 3.97
CA VAL B 136 12.43 -25.50 4.56
C VAL B 136 12.64 -25.61 6.07
N GLU B 137 13.86 -25.95 6.47
CA GLU B 137 14.15 -26.09 7.90
C GLU B 137 14.00 -24.80 8.67
N MET B 138 14.30 -23.67 8.04
CA MET B 138 14.21 -22.37 8.72
C MET B 138 12.84 -22.12 9.32
N ILE B 139 11.78 -22.59 8.65
CA ILE B 139 10.44 -22.36 9.12
C ILE B 139 9.61 -23.62 9.32
N GLY B 140 10.27 -24.79 9.35
CA GLY B 140 9.51 -26.03 9.49
C GLY B 140 8.42 -26.11 8.44
N ALA B 141 8.77 -25.78 7.19
CA ALA B 141 7.81 -25.73 6.11
C ALA B 141 7.15 -27.06 5.77
N ASN B 142 5.89 -26.97 5.33
CA ASN B 142 5.10 -28.12 4.89
C ASN B 142 5.21 -28.28 3.38
N ALA B 143 5.69 -27.25 2.69
CA ALA B 143 5.89 -27.31 1.24
C ALA B 143 6.87 -26.22 0.86
N LEU B 144 7.48 -26.34 -0.32
CA LEU B 144 8.41 -25.35 -0.79
C LEU B 144 8.06 -24.81 -2.17
N GLN B 145 7.97 -23.49 -2.27
CA GLN B 145 7.72 -22.83 -3.54
C GLN B 145 9.04 -22.45 -4.19
N ILE B 146 9.17 -22.74 -5.48
CA ILE B 146 10.36 -22.35 -6.25
C ILE B 146 9.79 -21.45 -7.35
N HIS B 147 10.20 -20.19 -7.39
CA HIS B 147 9.67 -19.24 -8.37
C HIS B 147 10.47 -19.15 -9.64
N LEU B 148 9.75 -19.06 -10.76
CA LEU B 148 10.35 -18.93 -12.09
C LEU B 148 9.92 -17.57 -12.64
N ASN B 149 10.88 -16.77 -13.10
CA ASN B 149 10.52 -15.49 -13.68
C ASN B 149 11.56 -15.08 -14.69
N VAL B 150 11.69 -15.88 -15.75
CA VAL B 150 12.67 -15.62 -16.80
C VAL B 150 12.56 -14.22 -17.41
N ILE B 151 11.38 -13.87 -17.88
CA ILE B 151 11.17 -12.57 -18.53
C ILE B 151 11.52 -11.35 -17.67
N GLN B 152 11.08 -11.36 -16.42
CA GLN B 152 11.37 -10.25 -15.52
C GLN B 152 12.88 -10.14 -15.25
N GLU B 153 13.57 -11.26 -15.23
CA GLU B 153 15.00 -11.27 -14.99
C GLU B 153 15.79 -10.84 -16.22
N ILE B 154 15.24 -11.10 -17.41
CA ILE B 154 15.92 -10.75 -18.65
C ILE B 154 15.87 -9.24 -18.90
N VAL B 155 14.80 -8.61 -18.42
CA VAL B 155 14.59 -7.15 -18.51
C VAL B 155 15.53 -6.47 -17.49
N MET B 156 15.32 -6.76 -16.20
CA MET B 156 16.17 -6.18 -15.15
C MET B 156 17.63 -6.37 -15.49
N ARG B 161 19.47 -12.63 -17.20
CA ARG B 161 20.21 -13.52 -18.10
C ARG B 161 20.59 -14.83 -17.40
N SER B 162 20.88 -15.87 -18.18
CA SER B 162 21.26 -17.19 -17.64
C SER B 162 20.06 -17.97 -17.12
N PHE B 163 19.50 -18.86 -17.97
CA PHE B 163 18.33 -19.64 -17.57
C PHE B 163 18.58 -21.13 -17.69
N SER B 164 19.78 -21.47 -18.16
CA SER B 164 20.14 -22.86 -18.33
C SER B 164 20.18 -23.53 -16.95
N GLY B 165 19.73 -24.77 -16.90
CA GLY B 165 19.76 -25.52 -15.65
C GLY B 165 18.61 -25.34 -14.68
N ALA B 166 17.65 -24.47 -15.00
CA ALA B 166 16.52 -24.28 -14.08
C ALA B 166 15.75 -25.56 -13.81
N LEU B 167 15.43 -26.31 -14.87
CA LEU B 167 14.70 -27.56 -14.68
C LEU B 167 15.57 -28.58 -13.91
N LYS B 168 16.86 -28.61 -14.23
CA LYS B 168 17.78 -29.52 -13.53
C LYS B 168 17.79 -29.21 -12.03
N ARG B 169 17.86 -27.93 -11.69
CA ARG B 169 17.87 -27.52 -10.28
C ARG B 169 16.58 -27.93 -9.59
N ILE B 170 15.46 -27.74 -10.27
CA ILE B 170 14.17 -28.11 -9.69
C ILE B 170 14.14 -29.62 -9.51
N GLU B 171 14.65 -30.34 -10.51
CA GLU B 171 14.68 -31.80 -10.38
C GLU B 171 15.58 -32.20 -9.17
N GLN B 172 16.72 -31.56 -9.00
CA GLN B 172 17.59 -31.90 -7.85
C GLN B 172 16.88 -31.57 -6.54
N ILE B 173 16.17 -30.46 -6.51
CA ILE B 173 15.44 -30.05 -5.30
C ILE B 173 14.31 -31.02 -4.95
N CYS B 174 13.46 -31.38 -5.91
CA CYS B 174 12.38 -32.29 -5.58
C CYS B 174 12.80 -33.63 -5.02
N SER B 175 13.94 -34.17 -5.49
CA SER B 175 14.33 -35.47 -4.97
C SER B 175 15.09 -35.39 -3.64
N ARG B 176 15.47 -34.19 -3.23
CA ARG B 176 16.21 -34.05 -1.98
C ARG B 176 15.52 -33.38 -0.79
N VAL B 177 14.43 -32.64 -1.03
CA VAL B 177 13.74 -32.04 0.13
C VAL B 177 12.71 -33.03 0.59
N SER B 178 12.28 -32.90 1.83
CA SER B 178 11.33 -33.86 2.36
C SER B 178 9.89 -33.39 2.30
N VAL B 179 9.61 -32.35 1.52
CA VAL B 179 8.24 -31.81 1.41
C VAL B 179 7.86 -31.59 -0.07
N PRO B 180 6.56 -31.42 -0.33
CA PRO B 180 6.16 -31.17 -1.72
C PRO B 180 6.67 -29.84 -2.23
N VAL B 181 7.00 -29.80 -3.51
CA VAL B 181 7.53 -28.59 -4.12
C VAL B 181 6.44 -28.01 -5.06
N ILE B 182 6.22 -26.71 -4.96
CA ILE B 182 5.24 -26.01 -5.77
C ILE B 182 6.06 -25.10 -6.67
N VAL B 183 5.97 -25.26 -7.99
CA VAL B 183 6.76 -24.39 -8.84
C VAL B 183 5.80 -23.30 -9.31
N LYS B 184 6.22 -22.05 -9.06
CA LYS B 184 5.39 -20.88 -9.37
C LYS B 184 5.93 -20.05 -10.52
N GLU B 185 5.04 -19.72 -11.47
CA GLU B 185 5.41 -18.87 -12.59
C GLU B 185 4.90 -17.48 -12.19
N VAL B 186 5.79 -16.52 -12.16
CA VAL B 186 5.46 -15.15 -11.79
C VAL B 186 5.04 -14.31 -13.01
N GLY B 187 3.76 -13.98 -13.10
CA GLY B 187 3.30 -13.12 -14.20
C GLY B 187 2.98 -13.50 -15.63
N PHE B 188 3.67 -14.45 -16.28
CA PHE B 188 3.29 -14.71 -17.67
C PHE B 188 2.53 -15.99 -17.98
N GLY B 189 1.97 -16.61 -16.95
CA GLY B 189 1.23 -17.83 -17.13
C GLY B 189 2.09 -19.06 -17.40
N MET B 190 1.44 -20.21 -17.55
CA MET B 190 2.16 -21.44 -17.77
C MET B 190 1.40 -22.34 -18.72
N SER B 191 2.14 -22.86 -19.68
CA SER B 191 1.60 -23.77 -20.71
C SER B 191 1.52 -25.18 -20.17
N LYS B 192 0.74 -26.01 -20.85
CA LYS B 192 0.60 -27.37 -20.44
C LYS B 192 1.94 -28.11 -20.64
N ALA B 193 2.73 -27.72 -21.63
CA ALA B 193 4.03 -28.38 -21.81
C ALA B 193 4.97 -28.07 -20.64
N SER B 194 4.96 -26.83 -20.17
CA SER B 194 5.82 -26.45 -19.04
C SER B 194 5.39 -27.20 -17.79
N ALA B 195 4.08 -27.26 -17.56
CA ALA B 195 3.58 -27.95 -16.38
C ALA B 195 3.97 -29.44 -16.42
N GLY B 196 3.88 -30.05 -17.62
CA GLY B 196 4.27 -31.45 -17.74
C GLY B 196 5.74 -31.71 -17.40
N LYS B 197 6.61 -30.80 -17.81
CA LYS B 197 8.04 -30.92 -17.52
C LYS B 197 8.25 -30.80 -16.01
N LEU B 198 7.53 -29.89 -15.37
CA LEU B 198 7.66 -29.69 -13.91
C LEU B 198 7.13 -30.91 -13.13
N TYR B 199 5.94 -31.41 -13.48
CA TYR B 199 5.41 -32.58 -12.79
C TYR B 199 6.33 -33.77 -13.02
N GLU B 200 6.85 -33.90 -14.24
CA GLU B 200 7.74 -35.02 -14.57
C GLU B 200 9.03 -34.92 -13.74
N ALA B 201 9.49 -33.69 -13.49
CA ALA B 201 10.69 -33.45 -12.69
C ALA B 201 10.48 -33.72 -11.20
N GLY B 202 9.22 -33.83 -10.77
CA GLY B 202 9.00 -34.11 -9.36
C GLY B 202 8.18 -33.09 -8.61
N ALA B 203 7.76 -32.00 -9.28
CA ALA B 203 6.94 -30.99 -8.61
C ALA B 203 5.59 -31.56 -8.20
N ALA B 204 5.15 -31.20 -7.00
CA ALA B 204 3.87 -31.67 -6.51
C ALA B 204 2.71 -30.77 -7.04
N ALA B 205 3.03 -29.54 -7.41
CA ALA B 205 2.01 -28.64 -7.88
C ALA B 205 2.64 -27.51 -8.65
N VAL B 206 1.83 -26.84 -9.46
CA VAL B 206 2.30 -25.64 -10.13
C VAL B 206 1.38 -24.52 -9.66
N ASP B 207 1.93 -23.31 -9.57
CA ASP B 207 1.22 -22.14 -9.07
C ASP B 207 1.26 -21.09 -10.19
N ILE B 208 0.08 -20.75 -10.70
CA ILE B 208 -0.06 -19.77 -11.80
C ILE B 208 -0.19 -18.40 -11.16
N GLY B 209 0.93 -17.67 -11.09
CA GLY B 209 0.96 -16.36 -10.47
C GLY B 209 0.35 -15.28 -11.33
N GLY B 210 -0.13 -15.68 -12.51
CA GLY B 210 -0.74 -14.75 -13.43
C GLY B 210 0.21 -13.62 -13.80
N ARG B 226 11.47 0.19 -24.18
CA ARG B 226 12.64 -0.48 -24.72
C ARG B 226 12.41 -1.98 -24.90
N GLN B 227 13.34 -2.79 -24.39
CA GLN B 227 13.22 -4.24 -24.48
C GLN B 227 12.03 -4.75 -23.67
N ILE B 228 11.55 -3.92 -22.75
CA ILE B 228 10.42 -4.31 -21.92
C ILE B 228 9.11 -4.24 -22.69
N SER B 229 9.09 -3.45 -23.76
CA SER B 229 7.88 -3.30 -24.57
C SER B 229 7.55 -4.60 -25.28
N PHE B 230 8.56 -5.43 -25.52
CA PHE B 230 8.36 -6.71 -26.19
C PHE B 230 7.40 -7.58 -25.39
N PHE B 231 7.32 -7.36 -24.09
CA PHE B 231 6.45 -8.21 -23.32
C PHE B 231 5.13 -7.61 -22.86
N ASN B 232 4.72 -6.51 -23.48
CA ASN B 232 3.45 -5.89 -23.13
C ASN B 232 2.26 -6.82 -23.35
N SER B 233 2.24 -7.56 -24.45
CA SER B 233 1.12 -8.46 -24.71
C SER B 233 1.61 -9.90 -24.70
N TRP B 234 2.57 -10.18 -23.84
CA TRP B 234 3.18 -11.51 -23.73
C TRP B 234 2.53 -12.40 -22.67
N GLY B 235 2.53 -13.70 -22.92
CA GLY B 235 1.99 -14.59 -21.90
C GLY B 235 0.66 -15.25 -22.11
N ILE B 236 0.33 -16.07 -21.13
CA ILE B 236 -0.90 -16.85 -21.08
C ILE B 236 -1.61 -16.36 -19.82
N SER B 237 -2.90 -16.06 -19.94
CA SER B 237 -3.67 -15.56 -18.80
C SER B 237 -3.81 -16.67 -17.75
N THR B 238 -4.15 -16.29 -16.52
CA THR B 238 -4.37 -17.28 -15.47
C THR B 238 -5.46 -18.25 -15.90
N ALA B 239 -6.56 -17.72 -16.40
CA ALA B 239 -7.69 -18.58 -16.82
C ALA B 239 -7.29 -19.60 -17.91
N ALA B 240 -6.60 -19.14 -18.95
CA ALA B 240 -6.18 -20.08 -20.00
C ALA B 240 -5.18 -21.13 -19.49
N SER B 241 -4.25 -20.71 -18.63
CA SER B 241 -3.23 -21.64 -18.08
C SER B 241 -3.92 -22.75 -17.29
N LEU B 242 -4.81 -22.35 -16.37
CA LEU B 242 -5.52 -23.37 -15.59
C LEU B 242 -6.24 -24.36 -16.50
N ALA B 243 -7.00 -23.85 -17.48
CA ALA B 243 -7.74 -24.74 -18.36
C ALA B 243 -6.79 -25.63 -19.19
N GLU B 244 -5.72 -25.06 -19.75
CA GLU B 244 -4.76 -25.85 -20.55
C GLU B 244 -4.14 -26.99 -19.74
N ILE B 245 -3.62 -26.63 -18.57
CA ILE B 245 -2.93 -27.61 -17.73
C ILE B 245 -3.89 -28.70 -17.25
N ARG B 246 -5.07 -28.31 -16.82
CA ARG B 246 -6.05 -29.28 -16.37
C ARG B 246 -6.46 -30.25 -17.49
N SER B 247 -6.51 -29.77 -18.74
CA SER B 247 -6.88 -30.64 -19.85
C SER B 247 -5.90 -31.80 -20.04
N GLU B 248 -4.61 -31.58 -19.77
CA GLU B 248 -3.61 -32.64 -19.90
C GLU B 248 -3.34 -33.38 -18.61
N PHE B 249 -3.48 -32.72 -17.47
CA PHE B 249 -3.22 -33.34 -16.17
C PHE B 249 -4.43 -33.09 -15.27
N PRO B 250 -5.53 -33.82 -15.52
CA PRO B 250 -6.78 -33.67 -14.76
C PRO B 250 -6.67 -33.97 -13.27
N ALA B 251 -5.72 -34.80 -12.90
CA ALA B 251 -5.58 -35.19 -11.50
C ALA B 251 -4.45 -34.45 -10.78
N SER B 252 -3.84 -33.49 -11.45
CA SER B 252 -2.71 -32.79 -10.84
C SER B 252 -3.07 -31.51 -10.10
N THR B 253 -2.27 -31.19 -9.10
CA THR B 253 -2.52 -30.01 -8.30
C THR B 253 -2.08 -28.70 -8.95
N MET B 254 -3.02 -27.77 -9.04
CA MET B 254 -2.73 -26.44 -9.59
C MET B 254 -3.19 -25.44 -8.53
N ILE B 255 -2.49 -24.32 -8.48
CA ILE B 255 -2.78 -23.23 -7.57
C ILE B 255 -2.79 -21.97 -8.42
N ALA B 256 -3.60 -20.97 -8.08
CA ALA B 256 -3.60 -19.71 -8.82
C ALA B 256 -3.37 -18.65 -7.76
N SER B 257 -2.49 -17.69 -8.04
CA SER B 257 -2.25 -16.63 -7.08
C SER B 257 -1.94 -15.36 -7.88
N GLY B 258 -2.17 -14.19 -7.31
CA GLY B 258 -1.93 -12.96 -8.05
C GLY B 258 -3.08 -12.55 -8.96
N GLY B 259 -3.54 -11.32 -8.83
CA GLY B 259 -4.62 -10.86 -9.70
C GLY B 259 -6.02 -11.26 -9.30
N LEU B 260 -6.18 -12.12 -8.30
CA LEU B 260 -7.53 -12.50 -7.89
C LEU B 260 -8.07 -11.34 -7.06
N GLN B 261 -9.08 -10.68 -7.60
CA GLN B 261 -9.67 -9.50 -6.97
C GLN B 261 -10.61 -9.73 -5.82
N ASP B 262 -11.38 -10.81 -5.87
CA ASP B 262 -12.35 -11.07 -4.82
C ASP B 262 -12.76 -12.54 -4.76
N ALA B 263 -13.80 -12.85 -3.99
CA ALA B 263 -14.26 -14.24 -3.85
C ALA B 263 -14.78 -14.84 -5.17
N LEU B 264 -15.30 -14.01 -6.06
CA LEU B 264 -15.78 -14.53 -7.35
C LEU B 264 -14.58 -15.00 -8.19
N ASP B 265 -13.49 -14.23 -8.20
CA ASP B 265 -12.30 -14.67 -8.97
C ASP B 265 -11.78 -15.99 -8.35
N VAL B 266 -11.81 -16.09 -7.01
CA VAL B 266 -11.38 -17.31 -6.33
C VAL B 266 -12.27 -18.47 -6.78
N ALA B 267 -13.60 -18.28 -6.74
CA ALA B 267 -14.52 -19.34 -7.15
C ALA B 267 -14.23 -19.79 -8.58
N LYS B 268 -14.01 -18.83 -9.47
CA LYS B 268 -13.75 -19.16 -10.87
C LYS B 268 -12.45 -19.92 -11.09
N ALA B 269 -11.40 -19.53 -10.39
CA ALA B 269 -10.12 -20.23 -10.53
C ALA B 269 -10.28 -21.67 -10.07
N ILE B 270 -11.02 -21.88 -8.98
CA ILE B 270 -11.24 -23.24 -8.49
C ILE B 270 -12.07 -24.04 -9.49
N ALA B 271 -13.10 -23.40 -10.05
CA ALA B 271 -13.94 -24.09 -11.04
C ALA B 271 -13.10 -24.47 -12.27
N LEU B 272 -12.06 -23.70 -12.57
CA LEU B 272 -11.20 -24.04 -13.70
C LEU B 272 -10.18 -25.09 -13.30
N GLY B 273 -10.22 -25.53 -12.04
CA GLY B 273 -9.31 -26.58 -11.65
C GLY B 273 -8.33 -26.34 -10.52
N ALA B 274 -8.22 -25.10 -10.04
CA ALA B 274 -7.28 -24.83 -8.95
C ALA B 274 -7.73 -25.47 -7.63
N SER B 275 -6.78 -25.94 -6.82
CA SER B 275 -7.11 -26.54 -5.51
C SER B 275 -7.02 -25.48 -4.43
N CYS B 276 -6.24 -24.44 -4.68
CA CYS B 276 -6.06 -23.38 -3.69
C CYS B 276 -5.70 -22.11 -4.44
N THR B 277 -5.93 -20.97 -3.83
CA THR B 277 -5.62 -19.69 -4.46
C THR B 277 -4.89 -18.83 -3.44
N GLY B 278 -4.03 -17.96 -3.94
CA GLY B 278 -3.28 -17.09 -3.06
C GLY B 278 -3.58 -15.62 -3.32
N MET B 279 -3.50 -14.82 -2.26
CA MET B 279 -3.72 -13.39 -2.33
C MET B 279 -2.72 -12.67 -1.43
N ALA B 280 -2.30 -11.47 -1.85
CA ALA B 280 -1.36 -10.68 -1.07
C ALA B 280 -1.92 -9.28 -0.78
N GLY B 281 -2.08 -8.51 -1.86
CA GLY B 281 -2.57 -7.14 -1.80
C GLY B 281 -3.52 -6.69 -0.72
N HIS B 282 -4.80 -6.98 -0.86
CA HIS B 282 -5.76 -6.52 0.13
C HIS B 282 -5.55 -7.06 1.54
N PHE B 283 -4.87 -8.20 1.66
CA PHE B 283 -4.60 -8.74 3.00
C PHE B 283 -3.55 -7.86 3.69
N LEU B 284 -2.49 -7.52 2.96
CA LEU B 284 -1.44 -6.68 3.52
C LEU B 284 -1.95 -5.28 3.79
N LYS B 285 -2.89 -4.84 2.95
CA LYS B 285 -3.47 -3.51 3.11
C LYS B 285 -4.32 -3.45 4.37
N ALA B 286 -5.08 -4.51 4.62
CA ALA B 286 -5.92 -4.57 5.80
C ALA B 286 -5.06 -4.56 7.06
N LEU B 287 -3.89 -5.20 6.97
CA LEU B 287 -2.96 -5.28 8.09
C LEU B 287 -2.40 -3.91 8.47
N THR B 288 -1.87 -3.20 7.48
CA THR B 288 -1.29 -1.89 7.73
C THR B 288 -2.33 -0.84 8.15
N ASP B 289 -3.58 -1.03 7.72
CA ASP B 289 -4.64 -0.07 8.07
C ASP B 289 -5.32 -0.37 9.39
N SER B 290 -5.77 -1.60 9.56
CA SER B 290 -6.47 -1.97 10.78
C SER B 290 -5.82 -3.08 11.62
N GLY B 291 -4.53 -3.29 11.43
CA GLY B 291 -3.81 -4.29 12.21
C GLY B 291 -4.28 -5.72 12.06
N GLU B 292 -3.87 -6.55 13.02
CA GLU B 292 -4.22 -7.97 13.03
C GLU B 292 -5.73 -8.21 13.04
N GLU B 293 -6.45 -7.40 13.80
CA GLU B 293 -7.89 -7.54 13.89
C GLU B 293 -8.53 -7.32 12.53
N GLY B 294 -8.06 -6.29 11.81
CA GLY B 294 -8.59 -5.99 10.50
C GLY B 294 -8.26 -7.10 9.50
N LEU B 295 -7.01 -7.56 9.49
CA LEU B 295 -6.61 -8.64 8.60
C LEU B 295 -7.50 -9.86 8.85
N LEU B 296 -7.66 -10.25 10.11
CA LEU B 296 -8.49 -11.41 10.46
C LEU B 296 -9.93 -11.25 9.94
N GLU B 297 -10.49 -10.05 10.09
CA GLU B 297 -11.84 -9.79 9.61
C GLU B 297 -11.92 -9.92 8.09
N GLU B 298 -10.92 -9.41 7.40
CA GLU B 298 -10.89 -9.47 5.94
C GLU B 298 -10.81 -10.91 5.43
N ILE B 299 -10.05 -11.76 6.11
CA ILE B 299 -9.90 -13.16 5.75
C ILE B 299 -11.23 -13.90 5.98
N GLN B 300 -11.87 -13.63 7.12
CA GLN B 300 -13.13 -14.28 7.43
C GLN B 300 -14.19 -13.85 6.42
N LEU B 301 -14.16 -12.59 6.03
CA LEU B 301 -15.14 -12.08 5.09
C LEU B 301 -15.03 -12.72 3.71
N ILE B 302 -13.81 -12.81 3.17
CA ILE B 302 -13.71 -13.43 1.86
C ILE B 302 -14.09 -14.91 1.89
N LEU B 303 -13.78 -15.60 2.99
CA LEU B 303 -14.15 -17.02 3.08
C LEU B 303 -15.68 -17.14 3.13
N GLU B 304 -16.36 -16.21 3.79
CA GLU B 304 -17.82 -16.29 3.84
C GLU B 304 -18.39 -15.93 2.48
N GLU B 305 -17.77 -14.97 1.81
CA GLU B 305 -18.23 -14.58 0.47
C GLU B 305 -18.10 -15.76 -0.49
N LEU B 306 -17.03 -16.56 -0.36
CA LEU B 306 -16.86 -17.73 -1.24
C LEU B 306 -17.97 -18.75 -0.93
N LYS B 307 -18.24 -18.99 0.35
CA LYS B 307 -19.29 -19.93 0.73
C LYS B 307 -20.64 -19.49 0.16
N LEU B 308 -20.84 -18.17 0.10
CA LEU B 308 -22.07 -17.61 -0.43
C LEU B 308 -22.20 -17.96 -1.91
N ILE B 309 -21.11 -17.78 -2.66
CA ILE B 309 -21.10 -18.08 -4.09
C ILE B 309 -21.33 -19.55 -4.28
N MET B 310 -20.67 -20.39 -3.47
CA MET B 310 -20.87 -21.82 -3.59
C MET B 310 -22.33 -22.21 -3.28
N THR B 311 -22.92 -21.54 -2.29
CA THR B 311 -24.32 -21.81 -1.91
C THR B 311 -25.25 -21.57 -3.11
N VAL B 312 -25.06 -20.43 -3.80
CA VAL B 312 -25.88 -20.07 -4.95
C VAL B 312 -25.67 -21.04 -6.12
N LEU B 313 -24.47 -21.61 -6.23
CA LEU B 313 -24.15 -22.57 -7.28
C LEU B 313 -24.56 -24.00 -6.94
N GLY B 314 -24.99 -24.22 -5.70
CA GLY B 314 -25.33 -25.57 -5.28
C GLY B 314 -24.07 -26.42 -5.12
N ALA B 315 -22.91 -25.78 -4.92
CA ALA B 315 -21.65 -26.53 -4.74
C ALA B 315 -21.39 -26.71 -3.25
N ARG B 316 -21.59 -27.92 -2.76
CA ARG B 316 -21.41 -28.19 -1.34
C ARG B 316 -19.94 -28.30 -0.92
N THR B 317 -19.06 -28.71 -1.83
CA THR B 317 -17.65 -28.88 -1.49
C THR B 317 -16.77 -28.27 -2.59
N ILE B 318 -15.46 -28.17 -2.31
CA ILE B 318 -14.52 -27.66 -3.30
C ILE B 318 -14.57 -28.57 -4.54
N ALA B 319 -14.64 -29.87 -4.32
CA ALA B 319 -14.70 -30.82 -5.43
C ALA B 319 -15.92 -30.52 -6.34
N ASP B 320 -17.04 -30.09 -5.75
CA ASP B 320 -18.24 -29.76 -6.53
C ASP B 320 -18.01 -28.46 -7.29
N LEU B 321 -17.35 -27.50 -6.65
CA LEU B 321 -17.06 -26.21 -7.32
C LEU B 321 -16.15 -26.49 -8.51
N GLN B 322 -15.24 -27.44 -8.34
CA GLN B 322 -14.32 -27.76 -9.45
C GLN B 322 -15.04 -28.42 -10.66
N LYS B 323 -16.31 -28.78 -10.49
CA LYS B 323 -17.09 -29.35 -11.59
C LYS B 323 -18.31 -28.47 -11.94
N ALA B 324 -18.38 -27.26 -11.40
CA ALA B 324 -19.51 -26.35 -11.64
C ALA B 324 -19.58 -25.93 -13.12
N PRO B 325 -20.74 -26.13 -13.77
CA PRO B 325 -20.88 -25.76 -15.19
C PRO B 325 -20.63 -24.28 -15.41
N LEU B 326 -19.89 -23.96 -16.48
CA LEU B 326 -19.58 -22.58 -16.80
C LEU B 326 -19.31 -22.46 -18.29
N VAL B 327 -19.39 -21.24 -18.79
CA VAL B 327 -19.15 -20.98 -20.21
C VAL B 327 -17.93 -20.07 -20.32
N ILE B 328 -17.02 -20.42 -21.23
CA ILE B 328 -15.80 -19.63 -21.45
C ILE B 328 -15.98 -18.83 -22.74
N LYS B 329 -15.72 -17.54 -22.69
CA LYS B 329 -15.87 -16.73 -23.88
C LYS B 329 -14.63 -15.90 -24.18
N GLY B 330 -14.76 -15.05 -25.20
CA GLY B 330 -13.70 -14.13 -25.54
C GLY B 330 -12.30 -14.63 -25.86
N GLU B 331 -11.31 -13.84 -25.46
CA GLU B 331 -9.89 -14.14 -25.72
C GLU B 331 -9.50 -15.50 -25.17
N THR B 332 -10.00 -15.81 -23.97
CA THR B 332 -9.68 -17.10 -23.35
C THR B 332 -10.25 -18.23 -24.19
N HIS B 333 -11.50 -18.08 -24.64
CA HIS B 333 -12.09 -19.14 -25.45
C HIS B 333 -11.31 -19.37 -26.75
N HIS B 334 -10.94 -18.28 -27.40
CA HIS B 334 -10.20 -18.39 -28.66
C HIS B 334 -8.86 -19.12 -28.43
N TRP B 335 -8.13 -18.65 -27.42
CA TRP B 335 -6.84 -19.25 -27.08
C TRP B 335 -6.92 -20.74 -26.89
N LEU B 336 -7.85 -21.19 -26.04
CA LEU B 336 -7.99 -22.62 -25.76
C LEU B 336 -8.43 -23.42 -26.98
N THR B 337 -9.29 -22.82 -27.81
CA THR B 337 -9.75 -23.52 -29.01
C THR B 337 -8.57 -23.75 -29.94
N GLU B 338 -7.77 -22.72 -30.16
CA GLU B 338 -6.59 -22.86 -31.03
C GLU B 338 -5.58 -23.87 -30.46
N ARG B 339 -5.46 -23.90 -29.13
CA ARG B 339 -4.52 -24.81 -28.47
C ARG B 339 -5.07 -26.23 -28.37
N GLY B 340 -6.28 -26.46 -28.91
CA GLY B 340 -6.83 -27.79 -28.85
C GLY B 340 -7.47 -28.18 -27.53
N VAL B 341 -7.79 -27.22 -26.69
CA VAL B 341 -8.42 -27.54 -25.39
C VAL B 341 -9.94 -27.41 -25.54
N ASN B 342 -10.64 -28.48 -25.19
CA ASN B 342 -12.09 -28.52 -25.28
C ASN B 342 -12.70 -27.54 -24.28
N THR B 343 -13.51 -26.62 -24.77
CA THR B 343 -14.13 -25.64 -23.90
C THR B 343 -15.58 -26.00 -23.54
N SER B 344 -16.27 -26.70 -24.45
CA SER B 344 -17.67 -27.04 -24.21
C SER B 344 -17.88 -28.02 -23.06
N SER B 345 -16.85 -28.79 -22.73
CA SER B 345 -16.94 -29.77 -21.64
C SER B 345 -17.23 -29.05 -20.32
N TYR B 346 -16.73 -27.83 -20.18
CA TYR B 346 -16.97 -27.02 -18.98
C TYR B 346 -18.45 -26.65 -18.86
N SER B 347 -19.11 -26.51 -20.00
CA SER B 347 -20.50 -26.07 -20.04
C SER B 347 -21.53 -27.17 -20.01
N VAL B 348 -21.12 -28.38 -20.38
CA VAL B 348 -22.04 -29.51 -20.44
C VAL B 348 -21.85 -30.47 -19.27
N ARG B 349 -20.88 -30.19 -18.40
CA ARG B 349 -20.61 -31.06 -17.26
C ARG B 349 -21.66 -30.92 -16.14
#